data_2V1M
#
_entry.id   2V1M
#
_cell.length_a   41.397
_cell.length_b   60.625
_cell.length_c   62.542
_cell.angle_alpha   90.00
_cell.angle_beta   90.00
_cell.angle_gamma   90.00
#
_symmetry.space_group_name_H-M   'P 21 21 21'
#
loop_
_entity.id
_entity.type
_entity.pdbx_description
1 polymer 'GLUTATHIONE PEROXIDASE'
2 non-polymer 'SULFATE ION'
3 non-polymer 'ACETATE ION'
4 non-polymer 'LITHIUM ION'
5 water water
#
_entity_poly.entity_id   1
_entity_poly.type   'polypeptide(L)'
_entity_poly.pdbx_seq_one_letter_code
;MSSSHKSWNSIYEFTVKDINGVDVSLEKYRGHVCLIVNVACK(OCS)GATDKNYRQLQEMHTRLVGKGLRILAFPCNQFG
GQEPWAEAEIKKFVTEKYGVQFDMFSKIKVNGSDADDLYKFLKSRQHGTLTNNIKWNFSKFLVDRQGQPVKRYSPTTAPY
DIEGDIMELLEKK
;
_entity_poly.pdbx_strand_id   A
#
loop_
_chem_comp.id
_chem_comp.type
_chem_comp.name
_chem_comp.formula
ACT non-polymer 'ACETATE ION' 'C2 H3 O2 -1'
LI non-polymer 'LITHIUM ION' 'Li 1'
SO4 non-polymer 'SULFATE ION' 'O4 S -2'
#
# COMPACT_ATOMS: atom_id res chain seq x y z
N SER A 7 -19.99 -2.36 8.79
CA SER A 7 -20.54 -1.08 8.39
C SER A 7 -19.50 -0.09 7.90
N TRP A 8 -18.23 -0.48 7.88
CA TRP A 8 -17.17 0.44 7.53
C TRP A 8 -17.43 1.07 6.17
N ASN A 9 -17.26 2.37 6.07
CA ASN A 9 -17.66 3.08 4.87
C ASN A 9 -16.47 3.72 4.15
N SER A 10 -15.27 3.75 4.73
CA SER A 10 -14.14 4.38 4.05
C SER A 10 -12.89 3.88 4.76
N ILE A 11 -11.70 4.18 4.21
CA ILE A 11 -10.47 3.78 4.88
C ILE A 11 -10.27 4.59 6.16
N TYR A 12 -10.96 5.73 6.33
CA TYR A 12 -10.67 6.61 7.47
C TYR A 12 -11.06 5.99 8.80
N GLU A 13 -11.88 4.94 8.76
CA GLU A 13 -12.34 4.31 10.00
C GLU A 13 -11.25 3.53 10.70
N PHE A 14 -10.15 3.19 10.01
CA PHE A 14 -9.16 2.25 10.54
C PHE A 14 -7.98 2.95 11.17
N THR A 15 -7.39 2.28 12.16
CA THR A 15 -6.21 2.72 12.85
C THR A 15 -5.15 1.64 12.67
N VAL A 16 -3.92 2.06 12.39
CA VAL A 16 -2.81 1.14 12.09
C VAL A 16 -1.57 1.63 12.79
N LYS A 17 -0.67 0.72 13.10
CA LYS A 17 0.61 1.07 13.71
C LYS A 17 1.62 1.38 12.60
N ASP A 18 2.25 2.55 12.69
CA ASP A 18 3.28 2.90 11.69
C ASP A 18 4.59 2.15 12.01
N ILE A 19 5.58 2.32 11.15
CA ILE A 19 6.79 1.49 11.27
C ILE A 19 7.62 1.82 12.50
N ASN A 20 7.37 2.99 13.07
CA ASN A 20 8.03 3.43 14.32
C ASN A 20 7.27 2.99 15.57
N GLY A 21 6.17 2.26 15.38
CA GLY A 21 5.35 1.82 16.51
C GLY A 21 4.31 2.83 16.93
N VAL A 22 4.10 3.89 16.16
CA VAL A 22 3.13 4.94 16.48
C VAL A 22 1.81 4.64 15.79
N ASP A 23 0.74 4.48 16.57
CA ASP A 23 -0.55 4.22 15.98
C ASP A 23 -1.10 5.51 15.40
N VAL A 24 -1.74 5.38 14.24
CA VAL A 24 -2.29 6.51 13.52
C VAL A 24 -3.63 6.08 12.92
N SER A 25 -4.61 6.95 13.10
CA SER A 25 -5.87 6.77 12.39
C SER A 25 -5.68 7.23 10.92
N LEU A 26 -6.29 6.47 10.00
CA LEU A 26 -6.25 6.83 8.58
C LEU A 26 -7.11 8.05 8.25
N GLU A 27 -7.80 8.61 9.26
CA GLU A 27 -8.34 9.97 9.13
C GLU A 27 -7.28 10.96 8.65
N LYS A 28 -6.01 10.70 8.95
CA LYS A 28 -4.85 11.49 8.48
C LYS A 28 -4.92 11.73 6.97
N TYR A 29 -5.48 10.79 6.22
CA TYR A 29 -5.43 10.79 4.75
C TYR A 29 -6.69 11.37 4.09
N ARG A 30 -7.60 11.94 4.90
CA ARG A 30 -8.81 12.53 4.32
C ARG A 30 -8.44 13.58 3.27
N GLY A 31 -9.09 13.47 2.13
CA GLY A 31 -8.91 14.45 1.06
C GLY A 31 -7.74 14.18 0.13
N HIS A 32 -6.94 13.15 0.41
CA HIS A 32 -5.79 12.77 -0.44
C HIS A 32 -6.06 11.46 -1.14
N VAL A 33 -5.51 11.31 -2.34
CA VAL A 33 -5.56 10.03 -3.03
C VAL A 33 -4.51 9.13 -2.40
N CYS A 34 -4.87 7.86 -2.11
CA CYS A 34 -3.92 6.96 -1.49
C CYS A 34 -3.68 5.75 -2.36
N LEU A 35 -2.41 5.32 -2.40
CA LEU A 35 -2.02 4.09 -3.04
C LEU A 35 -1.49 3.17 -1.94
N ILE A 36 -2.21 2.08 -1.66
CA ILE A 36 -1.91 1.22 -0.53
C ILE A 36 -1.29 -0.07 -1.05
N VAL A 37 -0.08 -0.35 -0.59
CA VAL A 37 0.73 -1.43 -1.16
C VAL A 37 1.19 -2.33 -0.05
N ASN A 38 1.00 -3.67 -0.18
CA ASN A 38 1.63 -4.61 0.75
C ASN A 38 3.01 -4.93 0.22
N VAL A 39 4.03 -4.89 1.11
CA VAL A 39 5.41 -4.92 0.67
C VAL A 39 6.16 -6.05 1.35
N ALA A 40 7.35 -6.33 0.78
CA ALA A 40 8.29 -7.32 1.30
C ALA A 40 9.67 -6.96 0.81
N CYS A 41 10.69 -7.18 1.64
CA CYS A 41 12.05 -6.82 1.24
C CYS A 41 12.78 -7.88 0.44
N LYS A 42 12.33 -9.15 0.48
CA LYS A 42 13.10 -10.27 -0.10
C LYS A 42 12.37 -10.92 -1.27
N OCS A 43 11.90 -10.10 -2.20
CA OCS A 43 11.19 -10.56 -3.39
CB OCS A 43 9.73 -10.08 -3.28
SG OCS A 43 8.66 -10.61 -4.58
C OCS A 43 11.94 -10.06 -4.63
O OCS A 43 12.60 -9.01 -4.59
OD1 OCS A 43 9.04 -11.95 -4.98
OD2 OCS A 43 7.30 -10.52 -4.06
OD3 OCS A 43 8.83 -9.63 -5.67
N GLY A 44 11.83 -10.79 -5.75
CA GLY A 44 12.54 -10.37 -6.95
C GLY A 44 12.11 -9.06 -7.56
N ALA A 45 10.93 -8.57 -7.17
CA ALA A 45 10.37 -7.31 -7.62
C ALA A 45 10.44 -6.22 -6.53
N THR A 46 11.11 -6.49 -5.43
CA THR A 46 11.24 -5.49 -4.37
C THR A 46 11.86 -4.22 -4.90
N ASP A 47 13.00 -4.34 -5.59
CA ASP A 47 13.68 -3.14 -6.09
C ASP A 47 12.81 -2.33 -7.00
N LYS A 48 12.22 -2.95 -8.02
CA LYS A 48 11.46 -2.17 -8.99
C LYS A 48 10.25 -1.48 -8.36
N ASN A 49 9.57 -2.22 -7.45
CA ASN A 49 8.40 -1.59 -6.80
C ASN A 49 8.83 -0.41 -5.94
N TYR A 50 9.82 -0.61 -5.05
CA TYR A 50 10.22 0.52 -4.18
C TYR A 50 10.78 1.69 -4.99
N ARG A 51 11.59 1.42 -6.02
CA ARG A 51 12.16 2.52 -6.83
C ARG A 51 11.02 3.31 -7.47
N GLN A 52 10.09 2.62 -8.11
CA GLN A 52 9.02 3.34 -8.80
C GLN A 52 8.10 4.06 -7.80
N LEU A 53 7.80 3.42 -6.67
CA LEU A 53 6.97 4.11 -5.66
C LEU A 53 7.63 5.38 -5.15
N GLN A 54 8.94 5.33 -4.90
CA GLN A 54 9.63 6.53 -4.42
C GLN A 54 9.64 7.64 -5.49
N GLU A 55 9.82 7.27 -6.75
CA GLU A 55 9.71 8.24 -7.84
CA GLU A 55 9.74 8.16 -7.79
C GLU A 55 8.30 8.83 -7.92
N MET A 56 7.29 7.99 -7.77
CA MET A 56 5.94 8.51 -7.85
CA MET A 56 5.88 8.40 -7.79
C MET A 56 5.58 9.39 -6.66
N HIS A 57 6.04 9.02 -5.48
CA HIS A 57 5.90 9.90 -4.31
C HIS A 57 6.50 11.27 -4.63
N THR A 58 7.74 11.26 -5.13
CA THR A 58 8.42 12.53 -5.37
C THR A 58 7.70 13.38 -6.43
N ARG A 59 7.14 12.72 -7.46
CA ARG A 59 6.42 13.45 -8.50
C ARG A 59 5.08 14.00 -8.01
N LEU A 60 4.39 13.24 -7.14
CA LEU A 60 2.96 13.47 -6.92
C LEU A 60 2.57 13.81 -5.50
N VAL A 61 3.45 13.72 -4.49
CA VAL A 61 3.03 14.02 -3.14
C VAL A 61 2.48 15.45 -3.02
N GLY A 62 3.11 16.39 -3.73
CA GLY A 62 2.67 17.79 -3.67
C GLY A 62 1.30 18.02 -4.30
N LYS A 63 0.85 17.09 -5.13
CA LYS A 63 -0.43 17.16 -5.81
C LYS A 63 -1.54 16.43 -5.05
N GLY A 64 -1.15 15.73 -3.97
CA GLY A 64 -2.13 15.06 -3.10
C GLY A 64 -2.06 13.54 -3.04
N LEU A 65 -1.04 12.91 -3.63
CA LEU A 65 -0.88 11.47 -3.51
C LEU A 65 -0.20 11.10 -2.19
N ARG A 66 -0.73 10.09 -1.51
CA ARG A 66 -0.08 9.48 -0.35
C ARG A 66 0.07 7.99 -0.61
N ILE A 67 1.29 7.51 -0.52
CA ILE A 67 1.58 6.09 -0.66
C ILE A 67 1.77 5.49 0.72
N LEU A 68 1.07 4.39 0.99
CA LEU A 68 1.10 3.71 2.28
C LEU A 68 1.61 2.30 2.04
N ALA A 69 2.68 1.92 2.72
CA ALA A 69 3.32 0.60 2.51
C ALA A 69 3.22 -0.23 3.78
N PHE A 70 2.57 -1.39 3.65
CA PHE A 70 2.33 -2.34 4.74
C PHE A 70 3.17 -3.59 4.56
N PRO A 71 4.23 -3.76 5.36
CA PRO A 71 4.99 -5.03 5.30
C PRO A 71 4.09 -6.20 5.66
N CYS A 72 4.36 -7.34 5.02
CA CYS A 72 3.56 -8.55 5.26
C CYS A 72 4.43 -9.75 4.94
N ASN A 73 4.46 -10.72 5.87
CA ASN A 73 5.28 -11.90 5.74
C ASN A 73 4.47 -13.17 5.35
N GLN A 74 3.31 -12.99 4.72
CA GLN A 74 2.48 -14.13 4.34
C GLN A 74 2.86 -14.78 3.02
N PHE A 75 3.82 -14.22 2.27
CA PHE A 75 4.10 -14.66 0.91
C PHE A 75 5.55 -15.12 0.80
N GLY A 76 5.74 -16.43 0.92
CA GLY A 76 7.05 -16.99 0.73
C GLY A 76 8.07 -16.64 1.81
N GLY A 77 7.59 -16.19 2.96
CA GLY A 77 8.48 -15.75 4.05
C GLY A 77 9.42 -14.63 3.56
N GLN A 78 8.89 -13.73 2.73
CA GLN A 78 9.72 -12.70 2.10
C GLN A 78 9.79 -11.37 2.85
N GLU A 79 9.17 -11.28 4.04
CA GLU A 79 9.34 -10.14 4.93
C GLU A 79 9.63 -10.64 6.35
N PRO A 80 10.76 -11.38 6.52
CA PRO A 80 11.03 -11.98 7.84
C PRO A 80 11.51 -11.00 8.89
N TRP A 81 12.07 -9.84 8.50
CA TRP A 81 12.72 -8.95 9.45
C TRP A 81 11.67 -8.21 10.29
N ALA A 82 12.15 -7.68 11.41
CA ALA A 82 11.32 -6.80 12.23
C ALA A 82 11.35 -5.37 11.67
N GLU A 83 10.50 -4.53 12.25
CA GLU A 83 10.24 -3.19 11.70
C GLU A 83 11.51 -2.35 11.61
N ALA A 84 12.35 -2.34 12.65
CA ALA A 84 13.52 -1.42 12.59
C ALA A 84 14.40 -1.78 11.39
N GLU A 85 14.59 -3.08 11.15
CA GLU A 85 15.43 -3.52 10.07
C GLU A 85 14.79 -3.26 8.71
N ILE A 86 13.48 -3.48 8.59
CA ILE A 86 12.77 -3.11 7.35
C ILE A 86 12.97 -1.60 7.06
N LYS A 87 12.74 -0.79 8.08
CA LYS A 87 12.85 0.66 7.91
C LYS A 87 14.24 1.05 7.45
N LYS A 88 15.26 0.51 8.11
CA LYS A 88 16.64 0.84 7.72
C LYS A 88 16.92 0.40 6.29
N PHE A 89 16.47 -0.80 5.93
CA PHE A 89 16.73 -1.31 4.61
C PHE A 89 16.15 -0.41 3.54
N VAL A 90 14.86 -0.10 3.67
CA VAL A 90 14.19 0.63 2.57
C VAL A 90 14.64 2.11 2.55
N THR A 91 14.91 2.68 3.71
CA THR A 91 15.34 4.08 3.74
CA THR A 91 15.37 4.00 3.79
C THR A 91 16.75 4.21 3.18
N GLU A 92 17.66 3.33 3.57
CA GLU A 92 19.02 3.43 3.09
C GLU A 92 19.15 3.03 1.63
N LYS A 93 18.39 2.05 1.17
CA LYS A 93 18.55 1.57 -0.19
C LYS A 93 17.81 2.43 -1.20
N TYR A 94 16.59 2.86 -0.84
CA TYR A 94 15.71 3.52 -1.81
C TYR A 94 15.43 4.97 -1.45
N GLY A 95 15.78 5.39 -0.25
CA GLY A 95 15.43 6.75 0.19
C GLY A 95 13.91 6.95 0.30
N VAL A 96 13.19 5.91 0.76
CA VAL A 96 11.75 6.00 0.88
C VAL A 96 11.33 7.22 1.72
N GLN A 97 10.47 8.04 1.13
CA GLN A 97 9.91 9.21 1.83
C GLN A 97 8.42 9.08 2.07
N PHE A 98 7.76 8.09 1.47
CA PHE A 98 6.36 7.84 1.70
C PHE A 98 6.16 7.08 3.04
N ASP A 99 4.91 6.78 3.39
CA ASP A 99 4.60 6.30 4.73
C ASP A 99 4.75 4.78 4.82
N MET A 100 5.56 4.35 5.78
CA MET A 100 5.81 2.96 6.11
C MET A 100 5.10 2.57 7.38
N PHE A 101 4.58 1.34 7.38
CA PHE A 101 3.82 0.80 8.52
C PHE A 101 4.46 -0.42 9.13
N SER A 102 3.98 -0.79 10.33
CA SER A 102 4.35 -2.05 10.92
C SER A 102 3.71 -3.23 10.16
N LYS A 103 4.35 -4.38 10.35
CA LYS A 103 3.95 -5.61 9.64
CA LYS A 103 3.94 -5.64 9.70
C LYS A 103 2.55 -6.05 10.07
N ILE A 104 1.77 -6.49 9.08
CA ILE A 104 0.42 -6.97 9.25
C ILE A 104 0.22 -8.23 8.42
N LYS A 105 -0.94 -8.85 8.60
CA LYS A 105 -1.46 -9.87 7.67
C LYS A 105 -2.49 -9.18 6.77
N VAL A 106 -2.56 -9.67 5.53
CA VAL A 106 -3.52 -9.19 4.53
C VAL A 106 -4.59 -10.23 4.15
N ASN A 107 -4.31 -11.52 4.45
CA ASN A 107 -5.23 -12.61 4.21
C ASN A 107 -5.55 -13.35 5.50
N GLY A 108 -6.70 -14.03 5.49
CA GLY A 108 -7.14 -14.81 6.63
C GLY A 108 -7.85 -14.00 7.67
N SER A 109 -8.31 -14.69 8.71
CA SER A 109 -9.16 -14.01 9.70
C SER A 109 -8.41 -13.06 10.60
N ASP A 110 -7.08 -13.14 10.63
CA ASP A 110 -6.27 -12.20 11.38
C ASP A 110 -5.70 -11.08 10.51
N ALA A 111 -6.16 -10.98 9.25
CA ALA A 111 -5.78 -9.84 8.42
C ALA A 111 -6.20 -8.55 9.14
N ASP A 112 -5.40 -7.50 8.93
CA ASP A 112 -5.78 -6.18 9.42
C ASP A 112 -7.16 -5.82 8.86
N ASP A 113 -7.98 -5.18 9.68
CA ASP A 113 -9.29 -4.71 9.20
C ASP A 113 -9.19 -3.80 7.97
N LEU A 114 -8.10 -3.06 7.83
CA LEU A 114 -7.96 -2.23 6.63
C LEU A 114 -8.00 -3.14 5.38
N TYR A 115 -7.29 -4.26 5.42
CA TYR A 115 -7.26 -5.15 4.26
C TYR A 115 -8.53 -5.94 4.09
N LYS A 116 -9.19 -6.32 5.19
CA LYS A 116 -10.54 -6.89 5.06
C LYS A 116 -11.43 -5.90 4.30
N PHE A 117 -11.35 -4.64 4.66
CA PHE A 117 -12.13 -3.60 3.99
C PHE A 117 -11.74 -3.44 2.53
N LEU A 118 -10.45 -3.27 2.24
CA LEU A 118 -10.00 -3.09 0.85
C LEU A 118 -10.53 -4.24 -0.02
N LYS A 119 -10.32 -5.47 0.43
CA LYS A 119 -10.75 -6.65 -0.34
C LYS A 119 -12.28 -6.73 -0.46
N SER A 120 -13.00 -6.15 0.50
CA SER A 120 -14.47 -6.16 0.42
C SER A 120 -14.98 -5.16 -0.64
N ARG A 121 -14.12 -4.22 -1.05
CA ARG A 121 -14.52 -3.17 -2.01
C ARG A 121 -14.07 -3.42 -3.44
N GLN A 122 -12.94 -4.12 -3.62
CA GLN A 122 -12.43 -4.38 -4.97
C GLN A 122 -11.97 -5.82 -5.05
N HIS A 123 -12.63 -6.57 -5.92
CA HIS A 123 -12.36 -8.00 -6.11
C HIS A 123 -11.08 -8.19 -6.94
N GLY A 124 -10.34 -9.22 -6.56
CA GLY A 124 -9.15 -9.62 -7.32
C GLY A 124 -9.49 -10.37 -8.61
N THR A 125 -8.47 -10.86 -9.27
CA THR A 125 -8.70 -11.68 -10.49
C THR A 125 -9.03 -13.09 -10.05
N LEU A 126 -10.23 -13.54 -10.44
CA LEU A 126 -10.80 -14.87 -10.18
CA LEU A 126 -10.77 -14.95 -10.13
C LEU A 126 -11.17 -15.05 -8.72
N THR A 127 -10.18 -15.04 -7.85
CA THR A 127 -10.37 -15.16 -6.43
C THR A 127 -9.95 -13.87 -5.74
N ASN A 128 -10.34 -13.73 -4.47
CA ASN A 128 -10.22 -12.45 -3.79
C ASN A 128 -9.02 -12.26 -2.86
N ASN A 129 -8.45 -13.32 -2.29
N ASN A 129 -8.35 -13.36 -2.56
CA ASN A 129 -7.27 -13.13 -1.43
CA ASN A 129 -7.14 -13.30 -1.76
C ASN A 129 -6.19 -12.37 -2.21
C ASN A 129 -6.11 -12.33 -2.36
N ILE A 130 -5.36 -11.64 -1.47
CA ILE A 130 -4.15 -11.01 -2.01
C ILE A 130 -3.25 -12.15 -2.51
N LYS A 131 -2.71 -11.99 -3.72
CA LYS A 131 -2.02 -13.12 -4.34
CA LYS A 131 -2.02 -13.06 -4.47
C LYS A 131 -0.53 -13.20 -4.08
N TRP A 132 0.13 -12.07 -3.85
CA TRP A 132 1.55 -12.07 -3.53
C TRP A 132 1.91 -10.70 -2.96
N ASN A 133 3.18 -10.50 -2.65
CA ASN A 133 3.67 -9.18 -2.29
C ASN A 133 3.41 -8.17 -3.43
N PHE A 134 3.25 -6.91 -3.04
CA PHE A 134 3.15 -5.77 -3.95
C PHE A 134 1.87 -5.71 -4.75
N SER A 135 0.75 -6.17 -4.17
N SER A 135 0.75 -6.15 -4.14
N SER A 135 0.75 -6.19 -4.18
CA SER A 135 -0.53 -5.77 -4.73
CA SER A 135 -0.59 -5.75 -4.62
CA SER A 135 -0.54 -5.77 -4.74
C SER A 135 -0.80 -4.29 -4.34
C SER A 135 -0.81 -4.27 -4.32
C SER A 135 -0.75 -4.29 -4.39
N LYS A 136 -1.66 -3.62 -5.13
CA LYS A 136 -1.92 -2.19 -4.95
C LYS A 136 -3.41 -1.93 -4.93
N PHE A 137 -3.86 -1.08 -4.00
CA PHE A 137 -5.23 -0.55 -3.99
C PHE A 137 -5.17 0.96 -4.13
N LEU A 138 -6.01 1.50 -5.02
CA LEU A 138 -6.10 2.93 -5.25
C LEU A 138 -7.40 3.42 -4.59
N VAL A 139 -7.23 4.46 -3.74
CA VAL A 139 -8.29 5.01 -2.89
C VAL A 139 -8.43 6.48 -3.23
N ASP A 140 -9.68 6.90 -3.49
CA ASP A 140 -9.94 8.27 -3.88
C ASP A 140 -9.89 9.25 -2.68
N ARG A 141 -10.11 10.53 -3.00
CA ARG A 141 -10.03 11.60 -1.99
C ARG A 141 -11.12 11.52 -0.92
N GLN A 142 -12.12 10.65 -1.12
CA GLN A 142 -13.17 10.38 -0.13
C GLN A 142 -12.96 9.05 0.57
N GLY A 143 -11.78 8.44 0.43
CA GLY A 143 -11.45 7.25 1.19
C GLY A 143 -12.06 5.96 0.65
N GLN A 144 -12.52 6.01 -0.61
CA GLN A 144 -13.19 4.85 -1.24
C GLN A 144 -12.18 4.09 -2.10
N PRO A 145 -11.98 2.79 -1.84
CA PRO A 145 -11.11 1.96 -2.73
C PRO A 145 -11.84 1.72 -4.06
N VAL A 146 -11.28 2.26 -5.14
CA VAL A 146 -11.94 2.21 -6.43
C VAL A 146 -11.15 1.44 -7.49
N LYS A 147 -9.94 0.95 -7.21
CA LYS A 147 -9.26 0.10 -8.16
C LYS A 147 -8.28 -0.75 -7.39
N ARG A 148 -8.02 -1.95 -7.94
CA ARG A 148 -7.07 -2.90 -7.37
C ARG A 148 -6.19 -3.42 -8.49
N TYR A 149 -4.89 -3.53 -8.21
CA TYR A 149 -3.89 -3.96 -9.21
C TYR A 149 -3.13 -5.14 -8.66
N SER A 150 -2.90 -6.10 -9.54
CA SER A 150 -2.21 -7.33 -9.17
C SER A 150 -0.72 -7.03 -8.94
N PRO A 151 -0.04 -7.95 -8.24
CA PRO A 151 1.39 -7.77 -7.90
C PRO A 151 2.30 -7.34 -9.06
N THR A 152 2.14 -7.95 -10.22
CA THR A 152 3.05 -7.67 -11.35
C THR A 152 2.77 -6.32 -12.02
N THR A 153 1.77 -5.57 -11.57
CA THR A 153 1.51 -4.24 -12.14
C THR A 153 2.59 -3.27 -11.68
N ALA A 154 3.35 -2.74 -12.63
CA ALA A 154 4.34 -1.74 -12.29
C ALA A 154 3.65 -0.53 -11.67
N PRO A 155 4.22 0.03 -10.57
CA PRO A 155 3.59 1.24 -10.01
C PRO A 155 3.40 2.33 -11.06
N TYR A 156 4.36 2.51 -11.97
CA TYR A 156 4.23 3.55 -12.98
C TYR A 156 2.96 3.39 -13.81
N ASP A 157 2.51 2.17 -14.01
CA ASP A 157 1.29 1.96 -14.81
C ASP A 157 0.01 2.35 -14.11
N ILE A 158 0.12 2.75 -12.84
CA ILE A 158 -1.03 3.22 -12.06
C ILE A 158 -1.12 4.76 -12.11
N GLU A 159 -0.09 5.41 -12.65
CA GLU A 159 -0.02 6.87 -12.55
C GLU A 159 -1.19 7.56 -13.28
N GLY A 160 -1.59 7.06 -14.45
CA GLY A 160 -2.70 7.68 -15.18
C GLY A 160 -3.99 7.68 -14.32
N ASP A 161 -4.27 6.54 -13.69
CA ASP A 161 -5.44 6.45 -12.83
C ASP A 161 -5.32 7.36 -11.62
N ILE A 162 -4.13 7.45 -11.04
CA ILE A 162 -3.92 8.40 -9.95
C ILE A 162 -4.22 9.83 -10.41
N MET A 163 -3.72 10.23 -11.58
CA MET A 163 -3.97 11.60 -12.06
C MET A 163 -5.44 11.88 -12.18
N GLU A 164 -6.23 10.91 -12.66
N GLU A 164 -6.17 10.88 -12.63
CA GLU A 164 -7.66 11.15 -12.76
CA GLU A 164 -7.61 10.99 -12.80
C GLU A 164 -8.24 11.46 -11.38
C GLU A 164 -8.33 11.27 -11.48
N LEU A 165 -7.86 10.64 -10.39
CA LEU A 165 -8.45 10.86 -9.06
C LEU A 165 -7.91 12.14 -8.39
N LEU A 166 -6.67 12.51 -8.67
CA LEU A 166 -6.11 13.77 -8.11
C LEU A 166 -6.82 14.98 -8.66
N GLU A 167 -7.29 14.88 -9.91
CA GLU A 167 -7.98 15.99 -10.55
C GLU A 167 -9.34 16.23 -9.91
N LYS A 168 -9.98 15.17 -9.37
CA LYS A 168 -11.29 15.31 -8.74
C LYS A 168 -11.17 16.07 -7.44
N LYS A 169 -12.26 16.74 -7.06
CA LYS A 169 -12.34 17.38 -5.75
C LYS A 169 -12.37 16.39 -4.59
S SO4 B . -5.30 -9.55 -7.99
O1 SO4 B . -6.07 -10.41 -7.02
O2 SO4 B . -5.64 -10.05 -9.35
O3 SO4 B . -5.78 -8.17 -7.80
O4 SO4 B . -3.87 -9.70 -7.77
S SO4 C . -13.79 -15.50 -3.96
O1 SO4 C . -14.15 -16.91 -4.14
O2 SO4 C . -13.82 -14.88 -5.29
O3 SO4 C . -14.79 -14.90 -3.08
O4 SO4 C . -12.45 -15.36 -3.39
C ACT D . -10.00 5.23 -11.99
O ACT D . -10.42 4.89 -10.87
OXT ACT D . -10.41 4.49 -12.91
CH3 ACT D . -9.12 6.45 -12.14
LI LI E . -12.48 -16.63 -3.08
#